data_6ICI
#
_entry.id   6ICI
#
_cell.length_a   65.211
_cell.length_b   93.466
_cell.length_c   71.568
_cell.angle_alpha   90.000
_cell.angle_beta   92.366
_cell.angle_gamma   90.000
#
_symmetry.space_group_name_H-M   'P 1 21 1'
#
loop_
_entity.id
_entity.type
_entity.pdbx_description
1 polymer '[F-actin]-monooxygenase MICAL3'
2 non-polymer 'FLAVIN-ADENINE DINUCLEOTIDE'
3 water water
#
_entity_poly.entity_id   1
_entity_poly.type   'polypeptide(L)'
_entity_poly.pdbx_seq_one_letter_code
;MGSSHHHHHHSSGLVPRGSHMASMTGGEEMGRDPNSMEERKHETMNPAHVLFDRFVQATTCKGTLKAFQELCDHLELKPK
DYRSFYHKLKSKLNYWKAKALWAKLDKRGSHKDYKKGKACTNTKCLIIGAGPCGLRTAIDLSLLGAKVVVIEKRDAFSRN
NVLHLWPFTIHDLRGLGAKKFYGKFCAGAIDHISIRQLQLILLKVALILGIEIHVNVEFQGLIQPPEDQENERIGWRALV
HPKTHPVSEYEFEVIIGGDGRRNTLEGFRRKEFRGKLAIAITANFINRNTTAEAKVEEISGVAFIFNQKFFQELREATGI
DLENIVYYKDDTHYFVMTAKKQSLLDKGVILHDYADTELLLSRENVDQEALLSYAREAADFSTQQQLPSLDFAINHYGQP
DVAMFDFTCMYASENAALVREQNGHQLLVALVGDSLLEPFWPMGTGIARGFLAAMDSAWMVRSWSLGTSPLEVLAERESI
YRLLPQTTPENVSKNFSQYSIDPVTRYPNINVNFLRPSQVRHLYDTGETKDIHLEMESLVNSRTTPKLTRNESVARSSKL
LGWCQRQTDGYAGVNVTDLTMSWKSGLALCAIIHRYRPDLIDFDSLDEQNVEKNNQLAFDIAEKELGISPIMTGKEMASV
GEPDKLSMVMYLTQFYEMFKDSLPSSDTLDLNAEEKAVLIASTRSPISFLSKLGQTISRKRSPKDKKEKDLDGAGKRRKT
SQSEEEEAPRGHRGER
;
_entity_poly.pdbx_strand_id   A
#
loop_
_chem_comp.id
_chem_comp.type
_chem_comp.name
_chem_comp.formula
FAD non-polymer 'FLAVIN-ADENINE DINUCLEOTIDE' 'C27 H33 N9 O15 P2'
#
# COMPACT_ATOMS: atom_id res chain seq x y z
N ASN A 46 -26.37 -10.57 -18.63
CA ASN A 46 -25.03 -11.13 -18.83
C ASN A 46 -24.31 -11.30 -17.49
N PRO A 47 -23.88 -12.53 -17.21
CA PRO A 47 -23.21 -12.78 -15.92
C PRO A 47 -21.93 -11.97 -15.73
N ALA A 48 -21.13 -11.79 -16.80
CA ALA A 48 -19.93 -10.97 -16.67
C ALA A 48 -20.28 -9.55 -16.24
N HIS A 49 -21.42 -9.04 -16.70
CA HIS A 49 -21.86 -7.73 -16.26
C HIS A 49 -22.20 -7.71 -14.78
N VAL A 50 -22.83 -8.78 -14.29
CA VAL A 50 -23.14 -8.86 -12.87
C VAL A 50 -21.85 -8.90 -12.05
N LEU A 51 -20.85 -9.65 -12.52
CA LEU A 51 -19.59 -9.74 -11.80
C LEU A 51 -18.86 -8.40 -11.81
N PHE A 52 -18.91 -7.67 -12.94
CA PHE A 52 -18.32 -6.35 -12.97
C PHE A 52 -19.00 -5.43 -11.98
N ASP A 53 -20.34 -5.44 -11.95
CA ASP A 53 -21.09 -4.59 -11.02
C ASP A 53 -20.72 -4.88 -9.57
N ARG A 54 -20.64 -6.16 -9.21
CA ARG A 54 -20.28 -6.51 -7.84
C ARG A 54 -18.88 -6.02 -7.50
N PHE A 55 -17.93 -6.11 -8.46
CA PHE A 55 -16.58 -5.59 -8.23
C PHE A 55 -16.62 -4.08 -8.00
N VAL A 56 -17.26 -3.36 -8.91
CA VAL A 56 -17.32 -1.90 -8.86
C VAL A 56 -17.92 -1.43 -7.54
N GLN A 57 -18.97 -2.11 -7.08
CA GLN A 57 -19.75 -1.73 -5.93
C GLN A 57 -19.22 -2.28 -4.61
N ALA A 58 -18.11 -3.02 -4.62
CA ALA A 58 -17.65 -3.64 -3.37
C ALA A 58 -17.26 -2.58 -2.36
N THR A 59 -17.56 -2.86 -1.08
CA THR A 59 -17.38 -1.92 0.01
C THR A 59 -16.22 -2.27 0.93
N THR A 60 -15.52 -3.39 0.70
CA THR A 60 -14.36 -3.69 1.52
C THR A 60 -13.20 -4.09 0.63
N CYS A 61 -12.00 -4.08 1.22
CA CYS A 61 -10.82 -4.56 0.49
C CYS A 61 -10.97 -6.03 0.12
N LYS A 62 -11.32 -6.88 1.11
CA LYS A 62 -11.48 -8.29 0.80
C LYS A 62 -12.58 -8.52 -0.23
N GLY A 63 -13.70 -7.79 -0.10
CA GLY A 63 -14.79 -7.96 -1.05
C GLY A 63 -14.41 -7.55 -2.46
N THR A 64 -13.61 -6.49 -2.58
CA THR A 64 -13.10 -6.06 -3.88
C THR A 64 -12.18 -7.13 -4.48
N LEU A 65 -11.25 -7.64 -3.68
CA LEU A 65 -10.33 -8.62 -4.24
C LEU A 65 -11.08 -9.87 -4.69
N LYS A 66 -12.12 -10.27 -3.93
CA LYS A 66 -12.84 -11.49 -4.27
C LYS A 66 -13.70 -11.29 -5.52
N ALA A 67 -14.45 -10.19 -5.59
CA ALA A 67 -15.22 -9.89 -6.81
C ALA A 67 -14.31 -9.80 -8.03
N PHE A 68 -13.14 -9.18 -7.90
CA PHE A 68 -12.25 -9.09 -9.05
C PHE A 68 -11.75 -10.47 -9.47
N GLN A 69 -11.38 -11.32 -8.51
CA GLN A 69 -10.94 -12.66 -8.88
C GLN A 69 -12.08 -13.42 -9.58
N GLU A 70 -13.31 -13.21 -9.13
CA GLU A 70 -14.41 -13.96 -9.74
C GLU A 70 -14.68 -13.46 -11.16
N LEU A 71 -14.61 -12.14 -11.37
CA LEU A 71 -14.68 -11.60 -12.73
C LEU A 71 -13.60 -12.18 -13.63
N CYS A 72 -12.34 -12.23 -13.16
CA CYS A 72 -11.25 -12.71 -14.01
C CYS A 72 -11.42 -14.20 -14.34
N ASP A 73 -11.78 -15.02 -13.34
CA ASP A 73 -12.02 -16.44 -13.61
C ASP A 73 -13.15 -16.60 -14.63
N HIS A 74 -14.29 -15.94 -14.41
CA HIS A 74 -15.38 -16.03 -15.37
C HIS A 74 -14.89 -15.73 -16.79
N LEU A 75 -14.09 -14.67 -16.94
CA LEU A 75 -13.61 -14.27 -18.26
C LEU A 75 -12.39 -15.04 -18.71
N GLU A 76 -11.91 -15.97 -17.90
CA GLU A 76 -10.70 -16.72 -18.19
C GLU A 76 -9.52 -15.80 -18.50
N LEU A 77 -9.32 -14.81 -17.62
CA LEU A 77 -8.18 -13.89 -17.72
C LEU A 77 -7.18 -14.15 -16.61
N LYS A 78 -5.90 -14.01 -16.94
CA LYS A 78 -4.80 -14.16 -15.97
C LYS A 78 -4.18 -12.79 -15.70
N PRO A 79 -4.52 -12.11 -14.60
CA PRO A 79 -3.89 -10.82 -14.30
C PRO A 79 -2.37 -10.87 -14.22
N LYS A 80 -1.80 -12.00 -13.82
CA LYS A 80 -0.35 -11.99 -13.64
C LYS A 80 0.41 -11.90 -14.95
N ASP A 81 -0.24 -12.14 -16.10
CA ASP A 81 0.39 -11.81 -17.38
C ASP A 81 0.10 -10.33 -17.66
N TYR A 82 0.85 -9.48 -16.96
CA TYR A 82 0.54 -8.05 -16.83
C TYR A 82 0.70 -7.28 -18.13
N ARG A 83 1.51 -7.75 -19.07
CA ARG A 83 1.68 -6.94 -20.27
C ARG A 83 0.43 -6.94 -21.14
N SER A 84 -0.44 -7.95 -21.02
CA SER A 84 -1.63 -8.02 -21.85
C SER A 84 -2.94 -7.95 -21.09
N PHE A 85 -2.91 -7.96 -19.75
CA PHE A 85 -4.14 -8.20 -19.01
C PHE A 85 -5.19 -7.12 -19.30
N TYR A 86 -4.81 -5.85 -19.13
CA TYR A 86 -5.79 -4.78 -19.26
C TYR A 86 -6.42 -4.76 -20.66
N HIS A 87 -5.62 -4.97 -21.70
CA HIS A 87 -6.15 -4.95 -23.06
C HIS A 87 -7.09 -6.13 -23.31
N LYS A 88 -6.75 -7.31 -22.78
CA LYS A 88 -7.63 -8.46 -22.93
C LYS A 88 -8.93 -8.23 -22.16
N LEU A 89 -8.85 -7.66 -20.96
CA LEU A 89 -10.04 -7.42 -20.15
C LEU A 89 -10.99 -6.47 -20.85
N LYS A 90 -10.48 -5.35 -21.35
CA LYS A 90 -11.40 -4.42 -21.99
C LYS A 90 -11.86 -4.94 -23.35
N SER A 91 -11.10 -5.83 -24.00
CA SER A 91 -11.63 -6.46 -25.20
C SER A 91 -12.81 -7.38 -24.86
N LYS A 92 -12.62 -8.23 -23.83
CA LYS A 92 -13.60 -9.28 -23.51
C LYS A 92 -14.87 -8.71 -22.90
N LEU A 93 -14.77 -7.67 -22.07
CA LEU A 93 -15.93 -7.15 -21.33
C LEU A 93 -16.56 -6.02 -22.15
N ASN A 94 -17.66 -6.34 -22.84
CA ASN A 94 -18.44 -5.38 -23.62
C ASN A 94 -19.66 -5.01 -22.77
N TYR A 95 -19.47 -4.02 -21.93
CA TYR A 95 -20.46 -3.57 -20.98
C TYR A 95 -20.38 -2.07 -21.03
N TRP A 96 -21.52 -1.40 -21.23
CA TRP A 96 -21.46 0.05 -21.37
C TRP A 96 -20.76 0.68 -20.16
N LYS A 97 -21.09 0.19 -18.96
CA LYS A 97 -20.45 0.68 -17.73
C LYS A 97 -18.94 0.57 -17.82
N ALA A 98 -18.43 -0.59 -18.29
CA ALA A 98 -16.98 -0.79 -18.32
C ALA A 98 -16.33 0.11 -19.37
N LYS A 99 -16.95 0.23 -20.55
CA LYS A 99 -16.41 1.04 -21.63
C LYS A 99 -16.27 2.50 -21.22
N ALA A 100 -17.17 3.00 -20.37
CA ALA A 100 -17.01 4.37 -19.87
C ALA A 100 -15.68 4.53 -19.13
N LEU A 101 -15.28 3.50 -18.38
CA LEU A 101 -14.04 3.54 -17.62
C LEU A 101 -12.83 3.37 -18.53
N TRP A 102 -12.91 2.41 -19.48
CA TRP A 102 -11.84 2.25 -20.46
C TRP A 102 -11.48 3.57 -21.13
N ALA A 103 -12.48 4.38 -21.50
CA ALA A 103 -12.13 5.62 -22.20
C ALA A 103 -11.26 6.54 -21.33
N LYS A 104 -11.55 6.61 -20.03
CA LYS A 104 -10.77 7.47 -19.14
C LYS A 104 -9.36 6.94 -18.96
N LEU A 105 -9.24 5.64 -18.71
CA LEU A 105 -7.91 5.08 -18.48
C LEU A 105 -7.08 5.11 -19.76
N ASP A 106 -7.71 4.83 -20.91
CA ASP A 106 -7.02 4.92 -22.19
C ASP A 106 -6.53 6.34 -22.44
N LYS A 107 -7.40 7.32 -22.20
CA LYS A 107 -6.98 8.70 -22.38
C LYS A 107 -5.78 9.00 -21.50
N ARG A 108 -5.83 8.62 -20.20
CA ARG A 108 -4.69 8.89 -19.33
C ARG A 108 -3.43 8.22 -19.85
N GLY A 109 -3.52 6.94 -20.24
CA GLY A 109 -2.34 6.21 -20.64
C GLY A 109 -1.77 6.63 -21.98
N SER A 110 -2.53 7.38 -22.77
CA SER A 110 -2.04 7.80 -24.08
C SER A 110 -1.08 8.98 -24.00
N HIS A 111 -0.84 9.53 -22.83
CA HIS A 111 0.05 10.68 -22.74
C HIS A 111 1.45 10.27 -23.21
N LYS A 112 2.13 11.19 -23.90
CA LYS A 112 3.41 10.84 -24.50
C LYS A 112 4.44 10.48 -23.45
N ASP A 113 4.27 10.95 -22.21
CA ASP A 113 5.18 10.59 -21.12
C ASP A 113 5.27 9.08 -20.95
N TYR A 114 4.17 8.35 -21.18
CA TYR A 114 4.17 6.91 -20.98
C TYR A 114 4.77 6.14 -22.14
N LYS A 115 5.08 6.79 -23.26
CA LYS A 115 5.70 6.10 -24.39
C LYS A 115 4.88 4.86 -24.77
N LYS A 116 3.56 5.04 -24.83
CA LYS A 116 2.62 4.00 -25.24
C LYS A 116 2.72 2.76 -24.35
N GLY A 117 3.06 2.93 -23.08
CA GLY A 117 3.16 1.79 -22.19
C GLY A 117 4.44 0.99 -22.30
N LYS A 118 5.48 1.52 -22.93
CA LYS A 118 6.69 0.73 -23.13
C LYS A 118 7.93 1.34 -22.49
N ALA A 119 7.80 2.47 -21.77
CA ALA A 119 8.95 3.07 -21.11
C ALA A 119 9.57 2.12 -20.08
N CYS A 120 8.75 1.38 -19.33
CA CYS A 120 9.27 0.49 -18.29
C CYS A 120 8.88 -0.97 -18.47
N THR A 121 8.60 -1.41 -19.70
CA THR A 121 8.11 -2.78 -19.93
C THR A 121 8.90 -3.85 -19.17
N ASN A 122 10.20 -3.66 -18.96
CA ASN A 122 11.00 -4.72 -18.37
C ASN A 122 11.34 -4.50 -16.90
N THR A 123 10.75 -3.51 -16.25
CA THR A 123 11.11 -3.15 -14.89
C THR A 123 10.14 -3.75 -13.89
N LYS A 124 10.68 -4.38 -12.85
CA LYS A 124 9.87 -4.96 -11.78
C LYS A 124 9.98 -4.10 -10.52
N CYS A 125 8.81 -3.68 -10.05
CA CYS A 125 8.65 -2.79 -8.91
C CYS A 125 7.85 -3.48 -7.82
N LEU A 126 8.24 -3.21 -6.59
CA LEU A 126 7.54 -3.62 -5.39
C LEU A 126 7.17 -2.36 -4.64
N ILE A 127 5.90 -2.26 -4.24
CA ILE A 127 5.39 -1.16 -3.42
C ILE A 127 5.06 -1.72 -2.05
N ILE A 128 5.57 -1.08 -1.00
CA ILE A 128 5.20 -1.42 0.37
C ILE A 128 4.05 -0.51 0.79
N GLY A 129 2.86 -1.08 0.95
CA GLY A 129 1.75 -0.32 1.49
C GLY A 129 0.71 0.02 0.45
N ALA A 130 -0.55 -0.31 0.74
CA ALA A 130 -1.68 0.05 -0.13
C ALA A 130 -2.47 1.19 0.48
N GLY A 131 -1.76 2.19 1.00
CA GLY A 131 -2.35 3.46 1.27
C GLY A 131 -2.57 4.23 0.00
N PRO A 132 -3.17 5.40 0.11
CA PRO A 132 -3.41 6.20 -1.10
C PRO A 132 -2.13 6.45 -1.90
N CYS A 133 -1.01 6.75 -1.25
CA CYS A 133 0.17 7.17 -2.02
C CYS A 133 0.88 6.00 -2.67
N GLY A 134 0.98 4.86 -1.96
CA GLY A 134 1.48 3.65 -2.57
C GLY A 134 0.69 3.23 -3.80
N LEU A 135 -0.64 3.21 -3.68
CA LEU A 135 -1.51 2.78 -4.77
C LEU A 135 -1.47 3.78 -5.94
N ARG A 136 -1.43 5.09 -5.64
CA ARG A 136 -1.35 6.10 -6.70
C ARG A 136 -0.02 5.97 -7.47
N THR A 137 1.09 5.77 -6.74
CA THR A 137 2.37 5.46 -7.36
C THR A 137 2.28 4.20 -8.21
N ALA A 138 1.76 3.13 -7.61
CA ALA A 138 1.59 1.88 -8.35
C ALA A 138 0.91 2.14 -9.68
N ILE A 139 -0.14 2.98 -9.67
CA ILE A 139 -0.94 3.19 -10.88
C ILE A 139 -0.12 3.87 -11.98
N ASP A 140 0.61 4.94 -11.62
CA ASP A 140 1.45 5.55 -12.66
C ASP A 140 2.57 4.60 -13.12
N LEU A 141 3.15 3.81 -12.23
CA LEU A 141 4.17 2.86 -12.69
C LEU A 141 3.57 1.85 -13.64
N SER A 142 2.30 1.51 -13.44
CA SER A 142 1.60 0.58 -14.34
C SER A 142 1.44 1.19 -15.72
N LEU A 143 1.08 2.48 -15.78
CA LEU A 143 0.88 3.13 -17.08
C LEU A 143 2.18 3.27 -17.85
N LEU A 144 3.33 3.18 -17.19
CA LEU A 144 4.60 3.20 -17.90
C LEU A 144 4.98 1.83 -18.46
N GLY A 145 4.23 0.77 -18.11
CA GLY A 145 4.51 -0.55 -18.61
C GLY A 145 5.19 -1.46 -17.61
N ALA A 146 5.54 -0.95 -16.43
CA ALA A 146 6.24 -1.76 -15.45
C ALA A 146 5.33 -2.87 -14.91
N LYS A 147 5.97 -3.94 -14.45
CA LYS A 147 5.29 -4.92 -13.60
C LYS A 147 5.28 -4.38 -12.18
N VAL A 148 4.11 -4.37 -11.54
CA VAL A 148 4.00 -3.77 -10.21
C VAL A 148 3.33 -4.74 -9.25
N VAL A 149 3.92 -4.90 -8.08
CA VAL A 149 3.35 -5.69 -6.99
C VAL A 149 3.27 -4.79 -5.76
N VAL A 150 2.11 -4.79 -5.11
CA VAL A 150 1.89 -4.08 -3.85
C VAL A 150 1.66 -5.12 -2.76
N ILE A 151 2.37 -4.97 -1.64
CA ILE A 151 2.14 -5.81 -0.47
C ILE A 151 1.66 -4.91 0.65
N GLU A 152 0.65 -5.37 1.39
CA GLU A 152 0.00 -4.59 2.44
C GLU A 152 -0.17 -5.51 3.64
N LYS A 153 0.17 -5.00 4.83
CA LYS A 153 0.10 -5.90 5.99
C LYS A 153 -1.33 -6.08 6.50
N ARG A 154 -2.23 -5.12 6.27
CA ARG A 154 -3.64 -5.29 6.67
C ARG A 154 -4.41 -6.03 5.57
N ASP A 155 -5.69 -6.34 5.86
CA ASP A 155 -6.62 -6.80 4.83
C ASP A 155 -7.95 -6.03 4.86
N ALA A 156 -7.96 -4.82 5.43
CA ALA A 156 -9.16 -3.99 5.44
C ALA A 156 -8.77 -2.52 5.40
N PHE A 157 -9.59 -1.72 4.70
CA PHE A 157 -9.48 -0.27 4.69
C PHE A 157 -10.45 0.29 5.74
N SER A 158 -9.92 0.67 6.89
CA SER A 158 -10.75 0.94 8.05
C SER A 158 -10.79 2.39 8.49
N ARG A 159 -9.93 3.28 7.96
CA ARG A 159 -9.83 4.61 8.53
C ARG A 159 -10.94 5.51 7.96
N ASN A 160 -11.78 6.05 8.85
CA ASN A 160 -12.88 6.93 8.48
C ASN A 160 -12.46 8.39 8.34
N ASN A 161 -11.31 8.79 8.91
CA ASN A 161 -10.92 10.20 8.88
C ASN A 161 -10.89 10.71 7.44
N VAL A 162 -11.09 12.03 7.29
CA VAL A 162 -11.41 12.65 6.01
C VAL A 162 -10.28 13.56 5.57
N LEU A 163 -9.93 13.47 4.28
CA LEU A 163 -8.76 14.10 3.69
C LEU A 163 -9.20 15.25 2.79
N HIS A 164 -8.59 16.42 3.00
CA HIS A 164 -8.77 17.54 2.08
C HIS A 164 -8.03 17.28 0.78
N LEU A 165 -8.67 17.65 -0.34
CA LEU A 165 -8.14 17.44 -1.67
C LEU A 165 -7.97 18.79 -2.36
N TRP A 166 -6.76 19.06 -2.85
CA TRP A 166 -6.54 20.20 -3.71
C TRP A 166 -7.25 20.01 -5.04
N PRO A 167 -7.57 21.10 -5.73
CA PRO A 167 -8.21 20.96 -7.06
C PRO A 167 -7.50 19.99 -7.99
N PHE A 168 -6.16 20.08 -8.11
CA PHE A 168 -5.48 19.18 -9.05
C PHE A 168 -5.72 17.72 -8.68
N THR A 169 -5.84 17.40 -7.39
CA THR A 169 -6.04 16.00 -7.04
C THR A 169 -7.45 15.54 -7.38
N ILE A 170 -8.43 16.42 -7.23
CA ILE A 170 -9.80 16.10 -7.64
C ILE A 170 -9.85 15.81 -9.14
N HIS A 171 -9.22 16.68 -9.94
CA HIS A 171 -9.14 16.44 -11.37
C HIS A 171 -8.39 15.13 -11.68
N ASP A 172 -7.27 14.87 -11.00
CA ASP A 172 -6.55 13.60 -11.18
C ASP A 172 -7.48 12.41 -10.92
N LEU A 173 -8.18 12.46 -9.79
CA LEU A 173 -9.00 11.32 -9.40
C LEU A 173 -10.18 11.15 -10.33
N ARG A 174 -10.80 12.25 -10.76
CA ARG A 174 -11.88 12.12 -11.74
C ARG A 174 -11.36 11.48 -13.02
N GLY A 175 -10.19 11.92 -13.48
CA GLY A 175 -9.61 11.35 -14.69
C GLY A 175 -9.29 9.87 -14.56
N LEU A 176 -9.12 9.36 -13.34
CA LEU A 176 -8.91 7.92 -13.17
C LEU A 176 -10.22 7.14 -13.03
N GLY A 177 -11.38 7.78 -13.16
CA GLY A 177 -12.66 7.11 -13.06
C GLY A 177 -13.24 7.05 -11.65
N ALA A 178 -12.86 8.00 -10.79
CA ALA A 178 -13.24 7.92 -9.37
C ALA A 178 -14.76 7.85 -9.21
N LYS A 179 -15.50 8.55 -10.06
CA LYS A 179 -16.95 8.61 -9.86
C LYS A 179 -17.60 7.27 -10.20
N LYS A 180 -16.99 6.47 -11.08
CA LYS A 180 -17.55 5.17 -11.38
C LYS A 180 -17.39 4.20 -10.24
N PHE A 181 -16.52 4.49 -9.27
CA PHE A 181 -16.37 3.64 -8.09
C PHE A 181 -16.99 4.25 -6.85
N TYR A 182 -17.36 5.51 -6.89
CA TYR A 182 -17.80 6.20 -5.69
C TYR A 182 -18.65 7.36 -6.22
N GLY A 183 -19.95 7.07 -6.39
CA GLY A 183 -20.82 8.01 -7.09
C GLY A 183 -20.80 9.38 -6.47
N LYS A 184 -20.64 9.46 -5.15
CA LYS A 184 -20.70 10.74 -4.46
C LYS A 184 -19.39 11.53 -4.52
N PHE A 185 -18.39 11.01 -5.23
CA PHE A 185 -17.06 11.62 -5.22
C PHE A 185 -17.13 13.10 -5.55
N CYS A 186 -16.76 13.93 -4.59
CA CYS A 186 -16.64 15.38 -4.76
C CYS A 186 -17.86 15.98 -5.45
N ALA A 187 -19.05 15.57 -4.99
CA ALA A 187 -20.30 16.09 -5.53
C ALA A 187 -20.45 17.57 -5.15
N GLY A 188 -20.80 18.40 -6.12
CA GLY A 188 -20.92 19.82 -5.84
C GLY A 188 -19.56 20.41 -5.49
N ALA A 189 -19.51 21.16 -4.40
CA ALA A 189 -18.27 21.81 -3.96
C ALA A 189 -17.54 21.00 -2.88
N ILE A 190 -17.87 19.71 -2.72
CA ILE A 190 -17.12 18.84 -1.82
C ILE A 190 -15.70 18.66 -2.36
N ASP A 191 -14.70 18.83 -1.50
CA ASP A 191 -13.29 18.65 -1.86
C ASP A 191 -12.58 17.83 -0.77
N HIS A 192 -13.18 16.71 -0.40
CA HIS A 192 -12.60 15.81 0.58
C HIS A 192 -13.16 14.42 0.36
N ILE A 193 -12.53 13.45 1.02
CA ILE A 193 -12.91 12.04 0.88
C ILE A 193 -12.30 11.29 2.05
N SER A 194 -13.00 10.29 2.57
CA SER A 194 -12.38 9.54 3.66
C SER A 194 -11.16 8.76 3.14
N ILE A 195 -10.26 8.38 4.06
CA ILE A 195 -9.06 7.62 3.69
C ILE A 195 -9.45 6.28 3.07
N ARG A 196 -10.39 5.57 3.70
CA ARG A 196 -10.70 4.22 3.23
C ARG A 196 -11.43 4.23 1.88
N GLN A 197 -12.25 5.25 1.62
CA GLN A 197 -12.92 5.33 0.32
C GLN A 197 -11.94 5.67 -0.80
N LEU A 198 -10.97 6.56 -0.53
CA LEU A 198 -9.88 6.78 -1.48
C LEU A 198 -9.10 5.49 -1.74
N GLN A 199 -8.81 4.72 -0.67
CA GLN A 199 -8.13 3.44 -0.84
C GLN A 199 -8.92 2.49 -1.74
N LEU A 200 -10.25 2.45 -1.58
CA LEU A 200 -11.08 1.54 -2.37
C LEU A 200 -11.08 1.92 -3.85
N ILE A 201 -11.24 3.21 -4.15
CA ILE A 201 -11.14 3.68 -5.54
C ILE A 201 -9.81 3.29 -6.16
N LEU A 202 -8.71 3.60 -5.46
CA LEU A 202 -7.40 3.35 -6.04
C LEU A 202 -7.10 1.85 -6.15
N LEU A 203 -7.57 1.06 -5.19
CA LEU A 203 -7.44 -0.40 -5.31
C LEU A 203 -8.09 -0.89 -6.59
N LYS A 204 -9.31 -0.41 -6.86
CA LYS A 204 -10.05 -0.89 -8.03
C LYS A 204 -9.36 -0.49 -9.33
N VAL A 205 -8.96 0.78 -9.45
CA VAL A 205 -8.20 1.21 -10.62
C VAL A 205 -6.96 0.33 -10.79
N ALA A 206 -6.19 0.14 -9.70
CA ALA A 206 -4.98 -0.66 -9.75
C ALA A 206 -5.24 -2.07 -10.28
N LEU A 207 -6.28 -2.72 -9.77
CA LEU A 207 -6.56 -4.11 -10.18
C LEU A 207 -6.87 -4.15 -11.67
N ILE A 208 -7.61 -3.16 -12.15
CA ILE A 208 -7.99 -3.15 -13.57
C ILE A 208 -6.76 -3.09 -14.46
N LEU A 209 -5.73 -2.34 -14.04
CA LEU A 209 -4.52 -2.15 -14.85
C LEU A 209 -3.56 -3.34 -14.79
N GLY A 210 -3.86 -4.37 -14.01
CA GLY A 210 -2.99 -5.52 -13.90
C GLY A 210 -1.96 -5.42 -12.80
N ILE A 211 -2.11 -4.48 -11.87
CA ILE A 211 -1.28 -4.43 -10.69
C ILE A 211 -1.67 -5.55 -9.73
N GLU A 212 -0.66 -6.24 -9.19
CA GLU A 212 -0.85 -7.33 -8.25
C GLU A 212 -0.91 -6.78 -6.82
N ILE A 213 -1.94 -7.15 -6.06
CA ILE A 213 -2.14 -6.65 -4.70
C ILE A 213 -2.24 -7.83 -3.76
N HIS A 214 -1.35 -7.89 -2.77
CA HIS A 214 -1.35 -8.98 -1.79
C HIS A 214 -1.53 -8.41 -0.39
N VAL A 215 -2.62 -8.79 0.27
CA VAL A 215 -2.95 -8.34 1.62
C VAL A 215 -2.40 -9.36 2.61
N ASN A 216 -2.35 -8.99 3.90
CA ASN A 216 -1.77 -9.83 4.97
C ASN A 216 -0.33 -10.24 4.66
N VAL A 217 0.45 -9.30 4.13
CA VAL A 217 1.89 -9.48 3.86
C VAL A 217 2.62 -8.30 4.51
N GLU A 218 3.39 -8.56 5.56
CA GLU A 218 4.18 -7.52 6.19
C GLU A 218 5.62 -7.54 5.63
N PHE A 219 6.05 -6.42 5.04
CA PHE A 219 7.43 -6.28 4.60
C PHE A 219 8.32 -6.12 5.82
N GLN A 220 9.42 -6.86 5.84
CA GLN A 220 10.35 -6.81 6.95
C GLN A 220 11.75 -6.36 6.54
N GLY A 221 12.21 -6.74 5.34
CA GLY A 221 13.52 -6.25 4.93
C GLY A 221 13.86 -6.66 3.50
N LEU A 222 15.01 -6.14 3.04
CA LEU A 222 15.61 -6.52 1.78
C LEU A 222 16.46 -7.77 1.94
N ILE A 223 16.49 -8.62 0.92
CA ILE A 223 17.43 -9.73 0.83
C ILE A 223 18.37 -9.44 -0.34
N GLN A 224 19.65 -9.18 -0.02
CA GLN A 224 20.61 -8.88 -1.07
C GLN A 224 20.70 -10.04 -2.06
N PRO A 225 21.08 -9.76 -3.31
CA PRO A 225 21.29 -10.85 -4.25
C PRO A 225 22.42 -11.76 -3.75
N PRO A 226 22.36 -13.05 -4.13
CA PRO A 226 23.48 -13.96 -3.81
C PRO A 226 24.65 -13.82 -4.76
N GLU A 227 25.57 -14.80 -4.80
CA GLU A 227 26.79 -14.70 -5.60
C GLU A 227 26.85 -15.79 -6.68
N ASP A 228 26.70 -15.36 -7.94
CA ASP A 228 27.34 -15.99 -9.10
C ASP A 228 26.55 -17.07 -9.84
N ARG A 233 21.56 -16.46 -11.74
CA ARG A 233 21.41 -15.02 -11.54
C ARG A 233 20.11 -14.65 -10.82
N ILE A 234 20.24 -14.25 -9.56
CA ILE A 234 19.12 -13.86 -8.71
C ILE A 234 19.36 -12.43 -8.24
N GLY A 235 18.35 -11.58 -8.39
CA GLY A 235 18.43 -10.18 -8.03
C GLY A 235 17.94 -9.93 -6.63
N TRP A 236 17.51 -8.68 -6.39
CA TRP A 236 17.05 -8.29 -5.06
C TRP A 236 15.70 -8.93 -4.74
N ARG A 237 15.50 -9.27 -3.48
CA ARG A 237 14.25 -9.88 -3.02
C ARG A 237 13.87 -9.26 -1.68
N ALA A 238 12.64 -9.54 -1.25
CA ALA A 238 12.14 -9.03 0.02
C ALA A 238 11.96 -10.14 1.03
N LEU A 239 12.31 -9.84 2.28
CA LEU A 239 11.88 -10.63 3.41
C LEU A 239 10.49 -10.17 3.81
N VAL A 240 9.51 -11.08 3.76
CA VAL A 240 8.14 -10.77 4.14
C VAL A 240 7.67 -11.83 5.13
N HIS A 241 6.64 -11.46 5.89
CA HIS A 241 5.95 -12.37 6.76
C HIS A 241 4.49 -12.48 6.31
N PRO A 242 3.98 -13.70 6.05
CA PRO A 242 4.76 -14.95 6.16
C PRO A 242 5.76 -15.23 5.02
N LYS A 243 6.93 -15.78 5.36
CA LYS A 243 7.94 -15.95 4.32
C LYS A 243 7.56 -17.03 3.31
N THR A 244 6.52 -17.83 3.60
CA THR A 244 6.00 -18.78 2.63
C THR A 244 5.12 -18.13 1.57
N HIS A 245 4.84 -16.84 1.71
CA HIS A 245 4.00 -16.16 0.75
C HIS A 245 4.60 -16.25 -0.65
N PRO A 246 3.79 -16.43 -1.69
CA PRO A 246 4.29 -16.37 -3.08
C PRO A 246 5.20 -15.19 -3.39
N VAL A 247 5.05 -14.06 -2.68
CA VAL A 247 5.80 -12.85 -3.03
C VAL A 247 7.28 -12.99 -2.66
N SER A 248 7.63 -13.91 -1.76
CA SER A 248 9.03 -14.26 -1.54
C SER A 248 9.71 -14.71 -2.82
N GLU A 249 8.98 -15.04 -3.89
CA GLU A 249 9.65 -15.35 -5.14
C GLU A 249 9.96 -14.13 -5.98
N TYR A 250 9.44 -12.95 -5.61
CA TYR A 250 9.49 -11.80 -6.52
C TYR A 250 10.86 -11.12 -6.45
N GLU A 251 11.47 -10.96 -7.61
CA GLU A 251 12.73 -10.22 -7.75
C GLU A 251 12.41 -8.90 -8.46
N PHE A 252 12.91 -7.79 -7.89
CA PHE A 252 12.55 -6.47 -8.36
C PHE A 252 13.79 -5.58 -8.43
N GLU A 253 13.70 -4.53 -9.25
CA GLU A 253 14.73 -3.51 -9.41
C GLU A 253 14.32 -2.15 -8.87
N VAL A 254 13.04 -1.98 -8.51
CA VAL A 254 12.55 -0.76 -7.86
C VAL A 254 11.70 -1.17 -6.66
N ILE A 255 11.94 -0.54 -5.50
CA ILE A 255 11.10 -0.72 -4.32
C ILE A 255 10.72 0.64 -3.75
N ILE A 256 9.42 0.83 -3.50
CA ILE A 256 8.87 2.11 -3.06
C ILE A 256 8.30 1.92 -1.67
N GLY A 257 8.74 2.74 -0.74
CA GLY A 257 8.22 2.75 0.61
C GLY A 257 7.02 3.66 0.73
N GLY A 258 5.83 3.07 0.72
CA GLY A 258 4.59 3.80 0.89
C GLY A 258 3.87 3.44 2.18
N ASP A 259 4.65 3.12 3.21
CA ASP A 259 4.11 2.51 4.42
C ASP A 259 4.06 3.48 5.60
N GLY A 260 3.95 4.79 5.31
CA GLY A 260 3.82 5.80 6.33
C GLY A 260 4.97 5.82 7.32
N ARG A 261 4.67 6.24 8.55
CA ARG A 261 5.72 6.45 9.54
C ARG A 261 6.49 5.16 9.84
N ARG A 262 5.79 4.01 9.87
CA ARG A 262 6.42 2.78 10.34
C ARG A 262 7.49 2.28 9.39
N ASN A 263 7.70 2.99 8.28
CA ASN A 263 8.59 2.54 7.23
C ASN A 263 10.02 2.46 7.74
N THR A 264 10.66 1.35 7.41
CA THR A 264 11.99 1.09 7.92
C THR A 264 12.91 0.59 6.81
N LEU A 265 12.78 1.20 5.63
CA LEU A 265 13.86 1.10 4.65
C LEU A 265 15.08 1.86 5.17
N GLU A 266 16.24 1.22 5.15
CA GLU A 266 17.44 1.90 5.61
C GLU A 266 17.98 2.85 4.54
N GLY A 267 18.66 3.89 4.99
CA GLY A 267 19.31 4.84 4.10
C GLY A 267 18.59 6.17 3.95
N PHE A 268 17.55 6.42 4.75
CA PHE A 268 16.76 7.64 4.72
C PHE A 268 16.80 8.28 6.11
N ARG A 269 17.80 9.12 6.36
CA ARG A 269 17.88 9.80 7.65
C ARG A 269 16.72 10.79 7.76
N ARG A 270 16.12 10.84 8.92
CA ARG A 270 14.98 11.72 9.14
C ARG A 270 15.43 13.06 9.69
N LYS A 271 14.93 14.14 9.09
CA LYS A 271 14.93 15.45 9.71
C LYS A 271 13.75 15.55 10.66
N GLU A 272 14.04 16.06 11.85
CA GLU A 272 13.07 16.26 12.92
C GLU A 272 12.74 17.74 12.99
N PHE A 273 11.44 18.04 13.15
CA PHE A 273 10.96 19.40 13.35
C PHE A 273 10.16 19.36 14.64
N ARG A 274 10.80 19.82 15.71
CA ARG A 274 10.22 19.85 17.04
C ARG A 274 9.64 21.24 17.24
N GLY A 275 8.36 21.27 17.61
CA GLY A 275 7.75 22.54 17.95
C GLY A 275 7.15 22.51 19.33
N LYS A 276 6.26 23.44 19.61
CA LYS A 276 5.54 23.39 20.88
C LYS A 276 4.66 22.15 20.93
N LEU A 277 4.38 21.69 22.15
CA LEU A 277 3.40 20.62 22.34
C LEU A 277 2.18 20.90 21.49
N ALA A 278 1.78 19.89 20.71
CA ALA A 278 0.69 19.99 19.76
C ALA A 278 -0.08 18.69 19.82
N ILE A 279 -1.36 18.77 20.18
CA ILE A 279 -2.22 17.59 20.34
C ILE A 279 -3.45 17.75 19.46
N ALA A 280 -3.70 16.74 18.62
CA ALA A 280 -4.85 16.72 17.72
C ALA A 280 -5.79 15.61 18.14
N ILE A 281 -7.08 15.85 18.00
CA ILE A 281 -8.12 14.87 18.31
C ILE A 281 -9.01 14.77 17.07
N THR A 282 -9.21 13.55 16.57
CA THR A 282 -10.15 13.32 15.47
C THR A 282 -11.38 12.56 15.98
N ALA A 283 -12.51 12.79 15.31
CA ALA A 283 -13.77 12.16 15.69
C ALA A 283 -14.69 12.02 14.47
N ASN A 284 -15.41 10.90 14.40
CA ASN A 284 -16.37 10.66 13.34
C ASN A 284 -17.74 10.33 13.93
N PHE A 285 -18.78 11.01 13.46
CA PHE A 285 -20.14 10.74 13.89
C PHE A 285 -20.98 10.27 12.71
N ILE A 286 -21.93 9.38 13.00
CA ILE A 286 -22.80 8.87 11.95
C ILE A 286 -23.53 10.03 11.28
N ASN A 287 -23.63 9.96 9.96
CA ASN A 287 -24.24 10.96 9.10
C ASN A 287 -25.41 10.28 8.40
N ARG A 288 -26.64 10.67 8.74
CA ARG A 288 -27.81 10.01 8.19
C ARG A 288 -28.41 10.78 7.02
N ASN A 289 -27.73 11.83 6.55
CA ASN A 289 -28.11 12.51 5.32
C ASN A 289 -29.55 13.02 5.34
N THR A 290 -30.04 13.42 6.51
CA THR A 290 -31.32 14.10 6.58
C THR A 290 -31.19 15.54 6.08
N THR A 291 -32.31 16.26 6.02
CA THR A 291 -32.25 17.64 5.57
C THR A 291 -31.65 18.54 6.65
N ALA A 292 -32.01 18.27 7.92
CA ALA A 292 -31.37 18.98 9.02
C ALA A 292 -29.85 18.86 8.92
N GLU A 293 -29.37 17.63 8.70
CA GLU A 293 -27.93 17.42 8.63
C GLU A 293 -27.31 18.12 7.43
N ALA A 294 -27.98 18.08 6.26
CA ALA A 294 -27.35 18.68 5.09
C ALA A 294 -27.17 20.18 5.26
N LYS A 295 -28.04 20.84 6.03
CA LYS A 295 -27.94 22.30 6.14
C LYS A 295 -26.75 22.80 6.93
N VAL A 296 -26.16 22.00 7.83
CA VAL A 296 -25.07 22.49 8.68
C VAL A 296 -23.84 22.77 7.82
N GLU A 297 -23.26 23.95 8.00
CA GLU A 297 -22.15 24.37 7.15
C GLU A 297 -20.83 23.75 7.62
N GLU A 298 -19.98 23.39 6.66
CA GLU A 298 -18.65 22.92 6.99
C GLU A 298 -17.85 24.03 7.66
N ILE A 299 -16.83 23.63 8.40
CA ILE A 299 -15.82 24.55 8.94
C ILE A 299 -14.49 24.22 8.27
N SER A 300 -13.94 25.18 7.52
CA SER A 300 -12.94 24.89 6.49
C SER A 300 -11.53 24.63 7.02
N GLY A 301 -11.14 25.17 8.17
CA GLY A 301 -9.73 25.02 8.55
C GLY A 301 -8.81 26.14 8.08
N VAL A 302 -9.23 26.94 7.10
CA VAL A 302 -8.79 28.33 7.02
C VAL A 302 -9.67 29.24 7.89
N ALA A 303 -10.73 28.68 8.50
CA ALA A 303 -11.70 29.48 9.24
C ALA A 303 -11.18 29.94 10.59
N PHE A 304 -10.17 29.27 11.16
CA PHE A 304 -9.75 29.57 12.52
C PHE A 304 -9.21 30.99 12.67
N ILE A 305 -8.73 31.59 11.59
CA ILE A 305 -8.28 32.99 11.60
C ILE A 305 -9.51 33.91 11.62
N ASN A 307 -11.86 33.75 13.56
CA ASN A 307 -12.83 33.27 14.55
C ASN A 307 -12.20 33.03 15.92
N GLN A 308 -11.20 33.84 16.31
CA GLN A 308 -10.57 33.66 17.62
C GLN A 308 -11.54 33.96 18.76
N LYS A 309 -12.48 34.87 18.53
CA LYS A 309 -13.52 35.15 19.52
C LYS A 309 -14.30 33.88 19.85
N PHE A 310 -14.65 33.10 18.83
CA PHE A 310 -15.33 31.84 19.06
C PHE A 310 -14.54 30.96 20.03
N PHE A 311 -13.23 30.87 19.83
CA PHE A 311 -12.45 30.01 20.70
C PHE A 311 -12.44 30.52 22.13
N GLN A 312 -12.39 31.84 22.31
CA GLN A 312 -12.49 32.37 23.67
C GLN A 312 -13.86 32.05 24.30
N GLU A 313 -14.94 32.22 23.55
CA GLU A 313 -16.27 31.89 24.05
C GLU A 313 -16.36 30.41 24.42
N LEU A 314 -15.82 29.53 23.55
CA LEU A 314 -15.88 28.10 23.80
C LEU A 314 -15.11 27.73 25.06
N ARG A 315 -13.91 28.32 25.23
CA ARG A 315 -13.12 28.02 26.41
C ARG A 315 -13.86 28.43 27.68
N GLU A 316 -14.48 29.62 27.68
CA GLU A 316 -15.10 30.09 28.92
C GLU A 316 -16.38 29.35 29.23
N ALA A 317 -17.14 28.96 28.21
CA ALA A 317 -18.39 28.24 28.45
C ALA A 317 -18.17 26.77 28.80
N THR A 318 -17.11 26.13 28.28
CA THR A 318 -16.96 24.67 28.47
C THR A 318 -15.61 24.20 29.01
N GLY A 319 -14.61 25.08 29.12
CA GLY A 319 -13.29 24.62 29.47
C GLY A 319 -12.54 23.90 28.37
N ILE A 320 -13.10 23.80 27.16
CA ILE A 320 -12.42 23.21 26.02
C ILE A 320 -11.64 24.32 25.31
N ASP A 321 -10.32 24.20 25.28
CA ASP A 321 -9.44 25.25 24.78
C ASP A 321 -8.76 24.76 23.51
N LEU A 322 -9.21 25.30 22.36
CA LEU A 322 -8.77 24.86 21.04
C LEU A 322 -8.00 25.97 20.35
N GLU A 323 -7.07 25.57 19.48
CA GLU A 323 -6.46 26.48 18.54
C GLU A 323 -7.08 26.39 17.15
N ASN A 324 -7.72 25.26 16.84
CA ASN A 324 -8.30 25.03 15.52
C ASN A 324 -9.31 23.90 15.61
N ILE A 325 -10.39 23.99 14.81
CA ILE A 325 -11.32 22.89 14.64
C ILE A 325 -11.82 22.89 13.20
N VAL A 326 -11.95 21.70 12.63
CA VAL A 326 -12.33 21.48 11.25
C VAL A 326 -13.49 20.49 11.23
N TYR A 327 -14.49 20.76 10.39
CA TYR A 327 -15.64 19.87 10.21
C TYR A 327 -15.83 19.61 8.73
N TYR A 328 -15.75 18.34 8.32
CA TYR A 328 -16.06 17.93 6.97
C TYR A 328 -17.29 17.04 7.00
N LYS A 329 -18.24 17.31 6.10
CA LYS A 329 -19.48 16.54 6.00
C LYS A 329 -19.29 15.52 4.90
N ASP A 330 -19.02 14.28 5.29
CA ASP A 330 -18.58 13.27 4.34
C ASP A 330 -19.38 11.99 4.65
N ASP A 331 -18.81 10.79 4.43
CA ASP A 331 -19.55 9.58 4.81
C ASP A 331 -19.88 9.59 6.29
N THR A 332 -19.07 10.26 7.08
CA THR A 332 -19.32 10.58 8.47
C THR A 332 -19.24 12.10 8.64
N HIS A 333 -19.79 12.59 9.75
CA HIS A 333 -19.52 13.95 10.20
C HIS A 333 -18.15 13.91 10.87
N TYR A 334 -17.12 14.45 10.21
CA TYR A 334 -15.74 14.30 10.66
C TYR A 334 -15.27 15.61 11.26
N PHE A 335 -14.65 15.54 12.43
CA PHE A 335 -14.07 16.71 13.09
C PHE A 335 -12.61 16.40 13.39
N VAL A 336 -11.76 17.39 13.20
CA VAL A 336 -10.40 17.34 13.74
C VAL A 336 -10.18 18.65 14.48
N MET A 337 -9.53 18.58 15.63
CA MET A 337 -9.29 19.77 16.43
C MET A 337 -7.92 19.68 17.06
N THR A 338 -7.36 20.83 17.38
CA THR A 338 -6.11 20.87 18.14
C THR A 338 -6.38 21.50 19.51
N ALA A 339 -6.13 20.72 20.56
CA ALA A 339 -6.59 21.02 21.92
C ALA A 339 -5.40 21.26 22.84
N LYS A 340 -5.49 22.29 23.68
CA LYS A 340 -4.38 22.61 24.58
C LYS A 340 -4.32 21.65 25.76
N LYS A 341 -3.09 21.32 26.16
CA LYS A 341 -2.87 20.28 27.16
C LYS A 341 -3.60 20.58 28.47
N GLN A 342 -3.59 21.84 28.90
CA GLN A 342 -4.16 22.16 30.20
C GLN A 342 -5.67 21.90 30.20
N SER A 343 -6.35 22.30 29.12
CA SER A 343 -7.77 22.02 29.00
C SER A 343 -8.05 20.52 29.08
N LEU A 344 -7.21 19.69 28.44
CA LEU A 344 -7.45 18.26 28.46
C LEU A 344 -7.23 17.67 29.85
N LEU A 345 -6.34 18.27 30.65
CA LEU A 345 -6.23 17.85 32.04
C LEU A 345 -7.45 18.30 32.84
N ASP A 346 -7.85 19.57 32.68
CA ASP A 346 -9.00 20.10 33.42
C ASP A 346 -10.26 19.28 33.20
N LYS A 347 -10.44 18.70 32.01
CA LYS A 347 -11.66 17.98 31.73
C LYS A 347 -11.54 16.49 32.01
N GLY A 348 -10.38 16.03 32.48
CA GLY A 348 -10.23 14.63 32.84
C GLY A 348 -9.89 13.70 31.70
N VAL A 349 -9.57 14.24 30.52
CA VAL A 349 -9.16 13.40 29.39
C VAL A 349 -7.80 12.77 29.66
N ILE A 350 -6.83 13.60 30.04
CA ILE A 350 -5.49 13.17 30.41
C ILE A 350 -5.43 13.11 31.94
N LEU A 351 -5.18 11.92 32.49
CA LEU A 351 -5.30 11.76 33.93
C LEU A 351 -4.13 12.42 34.67
N HIS A 352 -2.89 12.17 34.24
CA HIS A 352 -1.73 12.76 34.91
C HIS A 352 -0.88 13.55 33.94
N ASP A 353 -0.31 14.65 34.43
CA ASP A 353 0.52 15.53 33.62
C ASP A 353 1.95 15.02 33.68
N TYR A 354 2.29 14.15 32.73
CA TYR A 354 3.64 13.59 32.72
C TYR A 354 4.62 14.53 32.06
N ALA A 355 5.91 14.32 32.38
CA ALA A 355 6.96 15.25 32.00
C ALA A 355 6.91 15.57 30.51
N ASP A 356 6.88 14.54 29.66
CA ASP A 356 6.68 14.75 28.23
C ASP A 356 5.76 13.66 27.71
N THR A 357 5.62 13.62 26.39
CA THR A 357 4.31 13.33 25.83
C THR A 357 3.97 11.84 25.83
N GLU A 358 4.84 10.98 25.30
CA GLU A 358 4.41 9.61 25.05
C GLU A 358 3.95 8.89 26.31
N LEU A 359 4.35 9.35 27.51
CA LEU A 359 3.69 8.91 28.74
C LEU A 359 2.35 9.62 28.89
N LEU A 360 2.33 10.92 28.59
CA LEU A 360 1.12 11.72 28.72
C LEU A 360 -0.02 11.15 27.89
N LEU A 361 0.27 10.66 26.69
CA LEU A 361 -0.77 10.24 25.75
C LEU A 361 -0.90 8.73 25.65
N SER A 362 -0.49 7.99 26.67
CA SER A 362 -0.61 6.55 26.65
C SER A 362 -2.01 6.12 27.05
N ARG A 363 -2.46 4.99 26.50
CA ARG A 363 -3.81 4.52 26.80
C ARG A 363 -4.03 4.38 28.30
N GLU A 364 -2.95 4.21 29.08
CA GLU A 364 -3.08 4.14 30.53
C GLU A 364 -3.38 5.50 31.13
N ASN A 365 -2.84 6.57 30.56
CA ASN A 365 -3.01 7.92 31.09
C ASN A 365 -4.18 8.67 30.44
N VAL A 366 -5.06 8.01 29.69
CA VAL A 366 -6.12 8.72 28.98
C VAL A 366 -7.46 8.06 29.28
N ASP A 367 -8.39 8.84 29.85
CA ASP A 367 -9.74 8.37 30.15
C ASP A 367 -10.58 8.40 28.86
N GLN A 368 -10.91 7.22 28.35
CA GLN A 368 -11.57 7.17 27.05
C GLN A 368 -12.93 7.86 27.07
N GLU A 369 -13.72 7.65 28.13
CA GLU A 369 -15.06 8.24 28.16
C GLU A 369 -15.00 9.77 28.21
N ALA A 370 -14.07 10.32 28.96
CA ALA A 370 -13.90 11.77 28.96
C ALA A 370 -13.45 12.25 27.59
N LEU A 371 -12.60 11.47 26.90
CA LEU A 371 -12.14 11.86 25.57
C LEU A 371 -13.32 11.94 24.60
N LEU A 372 -14.17 10.91 24.60
CA LEU A 372 -15.39 10.94 23.81
C LEU A 372 -16.22 12.18 24.14
N SER A 373 -16.36 12.49 25.43
CA SER A 373 -17.21 13.62 25.83
C SER A 373 -16.63 14.92 25.31
N TYR A 374 -15.33 15.12 25.49
CA TYR A 374 -14.65 16.32 25.03
C TYR A 374 -14.83 16.52 23.53
N ALA A 375 -14.61 15.45 22.75
CA ALA A 375 -14.75 15.56 21.31
C ALA A 375 -16.18 15.93 20.92
N ARG A 376 -17.16 15.19 21.46
CA ARG A 376 -18.56 15.47 21.14
C ARG A 376 -18.91 16.90 21.53
N GLU A 377 -18.48 17.34 22.70
CA GLU A 377 -18.83 18.67 23.15
C GLU A 377 -18.25 19.74 22.24
N ALA A 378 -16.98 19.57 21.83
CA ALA A 378 -16.34 20.52 20.93
C ALA A 378 -17.04 20.55 19.57
N ALA A 379 -17.36 19.37 19.04
CA ALA A 379 -18.08 19.29 17.77
C ALA A 379 -19.44 19.98 17.87
N ASP A 380 -20.20 19.68 18.92
CA ASP A 380 -21.57 20.23 19.06
C ASP A 380 -21.54 21.75 19.13
N PHE A 381 -20.67 22.28 19.99
CA PHE A 381 -20.58 23.74 20.11
C PHE A 381 -20.09 24.38 18.80
N SER A 382 -19.11 23.76 18.11
CA SER A 382 -18.56 24.39 16.89
C SER A 382 -19.59 24.44 15.76
N THR A 383 -20.55 23.51 15.72
CA THR A 383 -21.61 23.58 14.72
C THR A 383 -22.90 24.11 15.32
N GLN A 384 -22.81 24.73 16.51
CA GLN A 384 -23.89 25.50 17.14
C GLN A 384 -25.13 24.65 17.37
N GLN A 385 -24.93 23.37 17.71
CA GLN A 385 -26.02 22.47 18.07
C GLN A 385 -27.07 22.40 16.96
N GLN A 386 -26.64 22.54 15.71
CA GLN A 386 -27.53 22.36 14.58
C GLN A 386 -27.54 20.93 14.06
N LEU A 387 -26.58 20.10 14.46
CA LEU A 387 -26.65 18.69 14.06
C LEU A 387 -27.62 17.97 15.00
N PRO A 388 -28.61 17.26 14.46
CA PRO A 388 -29.61 16.65 15.36
C PRO A 388 -28.97 15.75 16.40
N SER A 389 -28.03 14.91 16.00
CA SER A 389 -27.44 13.95 16.91
C SER A 389 -25.96 13.79 16.60
N LEU A 390 -25.21 13.41 17.62
CA LEU A 390 -23.76 13.22 17.53
C LEU A 390 -23.45 11.83 18.09
N ASP A 391 -23.79 10.81 17.32
CA ASP A 391 -23.50 9.43 17.67
C ASP A 391 -22.20 9.00 17.01
N PHE A 392 -21.26 8.53 17.82
CA PHE A 392 -19.98 8.10 17.27
C PHE A 392 -20.18 6.95 16.29
N ALA A 393 -19.57 7.10 15.11
CA ALA A 393 -19.33 5.95 14.24
C ALA A 393 -18.43 4.96 14.97
N ILE A 394 -18.44 3.71 14.50
CA ILE A 394 -17.72 2.64 15.18
C ILE A 394 -16.52 2.24 14.34
N ASN A 395 -15.37 2.15 14.98
CA ASN A 395 -14.10 2.00 14.27
C ASN A 395 -13.78 0.52 14.06
N HIS A 396 -12.59 0.31 13.49
CA HIS A 396 -11.97 -1.01 13.29
C HIS A 396 -12.27 -2.01 14.41
N TYR A 397 -12.02 -1.60 15.65
CA TYR A 397 -12.10 -2.45 16.85
C TYR A 397 -13.50 -2.53 17.44
N GLY A 398 -14.52 -2.00 16.77
CA GLY A 398 -15.84 -1.99 17.34
C GLY A 398 -16.09 -0.94 18.42
N GLN A 399 -15.21 0.05 18.54
CA GLN A 399 -15.34 1.11 19.53
C GLN A 399 -15.77 2.42 18.88
N PRO A 400 -16.31 3.35 19.67
CA PRO A 400 -16.65 4.67 19.10
C PRO A 400 -15.40 5.36 18.57
N ASP A 401 -15.54 6.03 17.43
CA ASP A 401 -14.36 6.43 16.64
C ASP A 401 -13.89 7.85 17.03
N VAL A 402 -13.10 7.89 18.11
CA VAL A 402 -12.36 9.06 18.55
C VAL A 402 -10.88 8.67 18.62
N ALA A 403 -9.99 9.63 18.40
CA ALA A 403 -8.57 9.32 18.52
C ALA A 403 -7.78 10.58 18.80
N MET A 404 -6.64 10.39 19.45
CA MET A 404 -5.75 11.47 19.85
C MET A 404 -4.38 11.22 19.26
N PHE A 405 -3.72 12.27 18.79
CA PHE A 405 -2.43 12.16 18.12
C PHE A 405 -1.51 13.26 18.60
N ASP A 406 -0.21 12.93 18.59
CA ASP A 406 0.85 13.85 18.99
C ASP A 406 1.50 14.41 17.75
N PHE A 407 1.45 15.72 17.58
CA PHE A 407 2.08 16.39 16.47
C PHE A 407 3.28 17.23 16.89
N THR A 408 3.74 17.06 18.15
CA THR A 408 4.83 17.87 18.67
C THR A 408 6.06 17.80 17.77
N CYS A 409 6.42 16.59 17.31
CA CYS A 409 7.54 16.39 16.40
C CYS A 409 7.06 15.79 15.09
N MET A 410 7.45 16.40 13.99
CA MET A 410 7.14 15.87 12.67
C MET A 410 8.44 15.57 11.92
N TYR A 411 8.35 14.66 10.96
CA TYR A 411 9.55 14.14 10.30
C TYR A 411 9.43 14.27 8.79
N ALA A 412 10.60 14.37 8.16
CA ALA A 412 10.67 14.31 6.71
C ALA A 412 12.04 13.76 6.34
N SER A 413 12.11 12.93 5.30
CA SER A 413 13.37 12.32 4.92
C SER A 413 14.31 13.36 4.29
N GLU A 414 15.59 13.31 4.67
CA GLU A 414 16.60 14.11 3.99
C GLU A 414 16.54 13.89 2.49
N ASN A 415 16.33 12.65 2.06
CA ASN A 415 16.38 12.27 0.66
C ASN A 415 15.19 11.41 0.30
N ALA A 416 14.67 11.61 -0.91
CA ALA A 416 13.57 10.84 -1.42
C ALA A 416 13.96 9.44 -1.93
N ALA A 417 15.20 9.28 -2.43
CA ALA A 417 15.63 8.06 -3.11
C ALA A 417 17.08 7.73 -2.77
N LEU A 418 17.47 6.48 -3.06
CA LEU A 418 18.86 6.02 -3.03
C LEU A 418 18.96 4.80 -3.96
N VAL A 419 20.19 4.40 -4.26
CA VAL A 419 20.43 3.24 -5.12
C VAL A 419 21.37 2.29 -4.38
N ARG A 420 21.06 0.99 -4.44
CA ARG A 420 21.89 -0.03 -3.84
C ARG A 420 22.41 -0.94 -4.95
N GLU A 421 23.69 -1.31 -4.92
CA GLU A 421 24.25 -2.22 -5.91
C GLU A 421 25.00 -3.30 -5.18
N GLN A 422 24.62 -4.55 -5.42
CA GLN A 422 25.43 -5.64 -4.90
C GLN A 422 25.38 -6.83 -5.84
N ASN A 423 26.56 -7.41 -6.08
CA ASN A 423 26.69 -8.66 -6.84
C ASN A 423 26.12 -8.50 -8.24
N GLY A 424 26.40 -7.34 -8.84
CA GLY A 424 25.93 -7.03 -10.18
C GLY A 424 24.49 -6.55 -10.28
N HIS A 425 23.74 -6.39 -9.19
CA HIS A 425 22.34 -5.98 -9.32
C HIS A 425 22.11 -4.62 -8.65
N GLN A 426 21.53 -3.69 -9.40
CA GLN A 426 21.16 -2.36 -8.91
C GLN A 426 19.69 -2.30 -8.51
N LEU A 427 19.41 -1.66 -7.37
CA LEU A 427 18.08 -1.52 -6.81
C LEU A 427 17.80 -0.05 -6.57
N LEU A 428 16.78 0.50 -7.23
CA LEU A 428 16.34 1.87 -6.97
C LEU A 428 15.33 1.84 -5.82
N VAL A 429 15.62 2.59 -4.75
CA VAL A 429 14.84 2.62 -3.53
C VAL A 429 14.30 4.03 -3.36
N ALA A 430 13.01 4.16 -3.06
CA ALA A 430 12.52 5.53 -2.82
C ALA A 430 11.32 5.53 -1.88
N LEU A 431 11.11 6.68 -1.23
CA LEU A 431 10.01 6.94 -0.32
C LEU A 431 8.97 7.81 -1.00
N VAL A 432 7.70 7.60 -0.62
CA VAL A 432 6.57 8.36 -1.17
C VAL A 432 5.51 8.51 -0.08
N GLY A 433 4.91 9.69 0.03
CA GLY A 433 3.79 9.82 0.96
C GLY A 433 4.21 10.20 2.37
N ASP A 434 3.45 9.73 3.38
CA ASP A 434 3.75 10.09 4.76
C ASP A 434 5.15 9.63 5.20
N SER A 435 5.64 8.52 4.64
CA SER A 435 7.00 8.08 4.98
C SER A 435 8.05 9.07 4.48
N LEU A 436 7.77 9.76 3.38
CA LEU A 436 8.67 10.76 2.84
C LEU A 436 8.59 12.08 3.59
N LEU A 437 7.35 12.59 3.77
CA LEU A 437 7.12 13.93 4.32
C LEU A 437 5.81 13.91 5.09
N GLU A 438 5.87 14.12 6.41
CA GLU A 438 4.67 13.97 7.23
C GLU A 438 3.80 15.22 7.15
N PRO A 439 2.51 15.07 6.85
CA PRO A 439 1.59 16.21 6.81
C PRO A 439 1.03 16.55 8.18
N PHE A 440 0.77 17.84 8.38
CA PHE A 440 -0.05 18.31 9.48
C PHE A 440 -1.49 18.41 8.97
N TRP A 441 -2.35 17.49 9.41
CA TRP A 441 -3.65 17.31 8.76
C TRP A 441 -4.45 18.60 8.59
N PRO A 442 -4.59 19.46 9.60
CA PRO A 442 -5.41 20.68 9.40
C PRO A 442 -4.99 21.52 8.21
N MET A 443 -3.74 21.41 7.74
CA MET A 443 -3.36 22.19 6.57
C MET A 443 -3.78 21.53 5.26
N GLY A 444 -4.15 20.24 5.26
CA GLY A 444 -4.67 19.64 4.04
C GLY A 444 -3.63 19.34 2.96
N THR A 445 -2.41 18.98 3.35
CA THR A 445 -1.32 18.74 2.41
C THR A 445 -0.99 17.28 2.19
N GLY A 446 -1.61 16.36 2.93
CA GLY A 446 -1.24 14.96 2.87
C GLY A 446 -1.37 14.36 1.49
N ILE A 447 -2.56 14.42 0.92
CA ILE A 447 -2.79 13.80 -0.39
C ILE A 447 -2.11 14.60 -1.49
N ALA A 448 -2.13 15.95 -1.39
CA ALA A 448 -1.55 16.77 -2.45
C ALA A 448 -0.05 16.47 -2.64
N ARG A 449 0.69 16.43 -1.55
CA ARG A 449 2.15 16.24 -1.63
C ARG A 449 2.50 14.77 -1.76
N GLY A 450 1.68 13.86 -1.21
CA GLY A 450 1.81 12.46 -1.54
C GLY A 450 1.65 12.19 -3.04
N PHE A 451 0.70 12.86 -3.68
CA PHE A 451 0.45 12.61 -5.10
C PHE A 451 1.49 13.29 -5.97
N LEU A 452 1.93 14.49 -5.60
CA LEU A 452 3.08 15.07 -6.30
C LEU A 452 4.26 14.11 -6.23
N ALA A 453 4.58 13.59 -5.04
CA ALA A 453 5.73 12.71 -4.92
C ALA A 453 5.49 11.38 -5.64
N ALA A 454 4.25 10.89 -5.70
CA ALA A 454 3.97 9.71 -6.50
C ALA A 454 4.33 9.96 -7.96
N MET A 455 3.89 11.09 -8.50
CA MET A 455 4.19 11.37 -9.90
C MET A 455 5.68 11.58 -10.12
N ASP A 456 6.35 12.26 -9.18
CA ASP A 456 7.79 12.47 -9.24
C ASP A 456 8.53 11.15 -9.25
N SER A 457 8.05 10.19 -8.45
CA SER A 457 8.65 8.87 -8.40
C SER A 457 8.45 8.11 -9.70
N ALA A 458 7.25 8.22 -10.28
CA ALA A 458 7.00 7.61 -11.58
C ALA A 458 7.98 8.14 -12.61
N TRP A 459 8.19 9.45 -12.61
CA TRP A 459 9.12 10.06 -13.55
C TRP A 459 10.54 9.57 -13.32
N MET A 460 10.91 9.43 -12.04
CA MET A 460 12.20 8.85 -11.69
C MET A 460 12.35 7.42 -12.23
N VAL A 461 11.31 6.60 -12.11
CA VAL A 461 11.44 5.21 -12.55
C VAL A 461 11.49 5.16 -14.07
N ARG A 462 10.71 6.02 -14.74
CA ARG A 462 10.81 6.19 -16.18
C ARG A 462 12.24 6.49 -16.61
N SER A 463 12.88 7.42 -15.92
CA SER A 463 14.26 7.76 -16.30
C SER A 463 15.20 6.60 -16.01
N TRP A 464 15.00 5.90 -14.89
CA TRP A 464 15.78 4.69 -14.60
C TRP A 464 15.67 3.67 -15.73
N SER A 465 14.44 3.33 -16.12
CA SER A 465 14.25 2.26 -17.10
C SER A 465 14.85 2.60 -18.46
N LEU A 466 14.90 3.88 -18.81
CA LEU A 466 15.44 4.29 -20.09
C LEU A 466 16.95 4.31 -20.10
N GLY A 467 17.58 3.97 -18.98
CA GLY A 467 19.01 3.82 -18.91
C GLY A 467 19.79 5.02 -18.42
N THR A 468 19.12 6.05 -17.92
CA THR A 468 19.87 7.18 -17.35
C THR A 468 20.77 6.69 -16.22
N SER A 469 21.98 7.25 -16.12
CA SER A 469 22.89 6.76 -15.10
C SER A 469 22.32 7.02 -13.70
N PRO A 470 22.61 6.12 -12.74
CA PRO A 470 22.02 6.25 -11.40
C PRO A 470 22.23 7.62 -10.75
N LEU A 471 23.43 8.21 -10.84
CA LEU A 471 23.61 9.48 -10.15
C LEU A 471 22.76 10.58 -10.79
N GLU A 472 22.51 10.52 -12.10
CA GLU A 472 21.69 11.55 -12.72
C GLU A 472 20.21 11.38 -12.38
N VAL A 473 19.76 10.12 -12.28
CA VAL A 473 18.41 9.82 -11.79
C VAL A 473 18.24 10.41 -10.40
N LEU A 474 19.19 10.10 -9.50
CA LEU A 474 19.07 10.59 -8.14
C LEU A 474 19.16 12.11 -8.08
N ALA A 475 20.08 12.70 -8.84
CA ALA A 475 20.23 14.15 -8.80
C ALA A 475 18.92 14.83 -9.21
N GLU A 476 18.28 14.33 -10.27
CA GLU A 476 17.04 14.91 -10.71
C GLU A 476 15.95 14.74 -9.64
N ARG A 477 15.82 13.53 -9.10
CA ARG A 477 14.82 13.27 -8.07
C ARG A 477 14.99 14.21 -6.87
N GLU A 478 16.21 14.37 -6.40
CA GLU A 478 16.43 15.20 -5.22
C GLU A 478 16.24 16.68 -5.54
N SER A 479 16.51 17.08 -6.79
CA SER A 479 16.26 18.46 -7.18
C SER A 479 14.77 18.76 -7.14
N ILE A 480 13.95 17.79 -7.57
CA ILE A 480 12.50 17.97 -7.50
C ILE A 480 12.04 17.95 -6.04
N TYR A 481 12.54 16.98 -5.27
CA TYR A 481 12.10 16.80 -3.89
C TYR A 481 12.32 18.05 -3.06
N ARG A 482 13.37 18.84 -3.36
CA ARG A 482 13.64 19.99 -2.50
C ARG A 482 12.48 20.99 -2.46
N LEU A 483 11.64 21.03 -3.50
CA LEU A 483 10.49 21.93 -3.50
C LEU A 483 9.30 21.45 -2.68
N LEU A 484 9.19 20.14 -2.42
CA LEU A 484 7.94 19.60 -1.88
C LEU A 484 7.41 20.36 -0.66
N PRO A 485 8.19 20.70 0.36
CA PRO A 485 7.61 21.38 1.53
C PRO A 485 7.25 22.86 1.28
N GLN A 486 7.51 23.39 0.08
CA GLN A 486 7.09 24.74 -0.28
C GLN A 486 5.83 24.79 -1.13
N THR A 487 5.32 23.64 -1.60
CA THR A 487 4.21 23.64 -2.55
C THR A 487 2.92 24.12 -1.86
N THR A 488 2.13 24.88 -2.58
CA THR A 488 0.77 25.31 -2.21
C THR A 488 -0.10 25.21 -3.44
N PRO A 489 -1.43 25.23 -3.27
CA PRO A 489 -2.31 25.25 -4.45
C PRO A 489 -2.01 26.40 -5.39
N GLU A 490 -1.38 27.47 -4.92
CA GLU A 490 -1.17 28.61 -5.79
C GLU A 490 0.22 28.66 -6.43
N ASN A 491 1.26 28.09 -5.82
CA ASN A 491 2.57 28.14 -6.47
C ASN A 491 2.85 26.90 -7.31
N VAL A 492 1.93 25.97 -7.38
CA VAL A 492 2.06 24.80 -8.24
C VAL A 492 1.27 25.09 -9.51
N SER A 493 1.55 24.36 -10.59
CA SER A 493 0.96 24.73 -11.86
C SER A 493 -0.57 24.72 -11.79
N LYS A 494 -1.18 25.59 -12.60
CA LYS A 494 -2.62 25.82 -12.65
C LYS A 494 -3.33 25.07 -13.76
N ASN A 495 -2.63 24.63 -14.81
CA ASN A 495 -3.27 24.02 -15.97
C ASN A 495 -3.39 22.52 -15.74
N PHE A 496 -4.47 22.14 -15.04
CA PHE A 496 -4.65 20.75 -14.62
C PHE A 496 -4.80 19.82 -15.81
N SER A 497 -5.38 20.30 -16.91
CA SER A 497 -5.59 19.46 -18.08
C SER A 497 -4.28 19.00 -18.70
N GLN A 498 -3.16 19.63 -18.37
CA GLN A 498 -1.88 19.24 -18.92
C GLN A 498 -0.95 18.62 -17.88
N TYR A 499 -1.44 18.35 -16.68
CA TYR A 499 -0.63 17.68 -15.67
C TYR A 499 -0.20 16.31 -16.19
N SER A 500 1.09 16.01 -16.10
CA SER A 500 1.60 14.65 -16.34
C SER A 500 2.71 14.35 -15.36
N ILE A 501 3.25 13.13 -15.42
CA ILE A 501 4.35 12.80 -14.55
C ILE A 501 5.58 13.65 -14.87
N ASP A 502 5.67 14.23 -16.06
CA ASP A 502 6.73 15.18 -16.39
C ASP A 502 6.71 16.36 -15.42
N PRO A 503 7.74 16.55 -14.59
CA PRO A 503 7.67 17.59 -13.54
C PRO A 503 7.45 19.00 -14.09
N VAL A 504 7.91 19.28 -15.31
CA VAL A 504 7.76 20.60 -15.92
C VAL A 504 6.28 20.96 -16.05
N THR A 505 5.39 19.97 -16.18
CA THR A 505 3.97 20.26 -16.24
C THR A 505 3.37 20.64 -14.88
N ARG A 506 4.09 20.45 -13.77
CA ARG A 506 3.50 20.62 -12.45
C ARG A 506 4.18 21.67 -11.58
N TYR A 507 5.45 21.96 -11.81
CA TYR A 507 6.22 22.88 -10.98
C TYR A 507 6.70 24.02 -11.88
N PRO A 508 6.02 25.16 -11.90
CA PRO A 508 6.41 26.21 -12.86
C PRO A 508 7.87 26.63 -12.68
N ASN A 509 8.60 26.67 -13.80
CA ASN A 509 9.99 27.12 -13.85
C ASN A 509 10.93 26.22 -13.03
N ILE A 510 10.58 24.94 -12.87
CA ILE A 510 11.43 24.08 -12.07
C ILE A 510 12.82 23.97 -12.70
N ASN A 511 13.85 23.92 -11.85
CA ASN A 511 15.22 23.60 -12.28
C ASN A 511 15.55 22.17 -11.82
N VAL A 512 15.33 21.19 -12.70
CA VAL A 512 15.64 19.81 -12.34
C VAL A 512 17.14 19.53 -12.27
N ASN A 513 18.01 20.46 -12.67
CA ASN A 513 19.46 20.32 -12.50
C ASN A 513 19.99 21.17 -11.35
N PHE A 514 19.14 21.52 -10.39
CA PHE A 514 19.62 22.27 -9.24
C PHE A 514 20.80 21.58 -8.57
N LEU A 515 20.70 20.27 -8.38
CA LEU A 515 21.81 19.49 -7.83
C LEU A 515 22.53 18.76 -8.95
N ARG A 516 23.87 18.70 -8.86
CA ARG A 516 24.79 17.97 -9.73
C ARG A 516 24.84 16.51 -9.32
N PRO A 517 25.10 15.58 -10.25
CA PRO A 517 25.28 14.18 -9.83
C PRO A 517 26.33 14.01 -8.74
N SER A 518 27.40 14.82 -8.74
CA SER A 518 28.42 14.66 -7.71
C SER A 518 27.90 15.01 -6.32
N GLN A 519 26.83 15.80 -6.25
CA GLN A 519 26.24 16.10 -4.96
C GLN A 519 25.39 14.97 -4.39
N VAL A 520 25.17 13.89 -5.14
CA VAL A 520 24.37 12.81 -4.56
C VAL A 520 25.15 11.48 -4.55
N ARG A 521 26.50 11.55 -4.62
CA ARG A 521 27.31 10.33 -4.58
C ARG A 521 27.01 9.48 -3.36
N HIS A 522 26.79 10.13 -2.22
CA HIS A 522 26.49 9.44 -0.97
C HIS A 522 25.16 8.67 -1.02
N LEU A 523 24.35 8.84 -2.06
CA LEU A 523 23.07 8.12 -2.15
C LEU A 523 23.17 6.87 -3.02
N TYR A 524 24.36 6.56 -3.54
CA TYR A 524 24.64 5.33 -4.26
C TYR A 524 25.55 4.47 -3.39
N ASP A 525 25.02 3.35 -2.90
CA ASP A 525 25.69 2.54 -1.90
C ASP A 525 26.11 1.21 -2.52
N THR A 526 27.43 0.96 -2.60
CA THR A 526 27.96 -0.29 -3.14
C THR A 526 28.18 -1.36 -2.06
N GLY A 527 27.70 -1.16 -0.85
CA GLY A 527 27.80 -2.19 0.18
C GLY A 527 28.25 -1.70 1.54
N ARG A 556 21.92 -26.51 -10.40
CA ARG A 556 21.06 -26.14 -9.26
C ARG A 556 20.28 -24.86 -9.51
N SER A 557 18.96 -24.94 -9.65
CA SER A 557 18.16 -23.72 -9.46
C SER A 557 18.22 -23.38 -7.97
N SER A 558 18.93 -22.30 -7.64
CA SER A 558 18.97 -21.83 -6.26
C SER A 558 17.59 -21.35 -5.81
N LYS A 559 16.80 -20.77 -6.72
CA LYS A 559 15.45 -20.37 -6.34
C LYS A 559 14.63 -21.58 -5.91
N LEU A 560 14.60 -22.60 -6.75
CA LEU A 560 13.85 -23.82 -6.43
C LEU A 560 14.22 -24.33 -5.05
N LEU A 561 15.52 -24.40 -4.77
CA LEU A 561 15.96 -24.86 -3.45
C LEU A 561 15.41 -23.95 -2.36
N GLY A 562 15.52 -22.63 -2.54
CA GLY A 562 15.03 -21.74 -1.49
C GLY A 562 13.54 -21.89 -1.29
N TRP A 563 12.79 -22.05 -2.38
CA TRP A 563 11.35 -22.31 -2.25
C TRP A 563 11.10 -23.57 -1.42
N CYS A 564 11.77 -24.70 -1.74
CA CYS A 564 11.48 -25.90 -0.95
C CYS A 564 11.85 -25.73 0.52
N GLN A 565 12.94 -25.00 0.79
CA GLN A 565 13.32 -24.76 2.17
C GLN A 565 12.23 -24.01 2.93
N ARG A 566 11.70 -22.94 2.36
CA ARG A 566 10.72 -22.14 3.10
C ARG A 566 9.42 -22.92 3.27
N GLN A 567 8.97 -23.60 2.23
CA GLN A 567 7.70 -24.31 2.31
C GLN A 567 7.77 -25.53 3.24
N THR A 568 8.95 -26.13 3.41
CA THR A 568 9.10 -27.29 4.30
C THR A 568 9.53 -26.93 5.71
N ASP A 569 9.87 -25.67 5.96
CA ASP A 569 10.27 -25.24 7.29
C ASP A 569 9.17 -25.55 8.32
N GLY A 570 9.58 -26.10 9.46
CA GLY A 570 8.64 -26.42 10.52
C GLY A 570 8.12 -27.83 10.53
N TYR A 571 8.52 -28.67 9.58
CA TYR A 571 7.99 -30.02 9.44
C TYR A 571 8.93 -31.00 10.13
N ALA A 572 8.39 -31.74 11.11
CA ALA A 572 9.19 -32.69 11.86
C ALA A 572 9.84 -33.71 10.92
N GLY A 573 11.13 -33.93 11.09
CA GLY A 573 11.84 -34.92 10.31
C GLY A 573 12.39 -34.45 8.99
N VAL A 574 12.15 -33.19 8.64
CA VAL A 574 12.55 -32.67 7.34
C VAL A 574 13.61 -31.60 7.54
N ASN A 575 14.54 -31.55 6.60
CA ASN A 575 15.57 -30.52 6.63
C ASN A 575 16.18 -30.50 5.24
N VAL A 576 15.75 -29.55 4.42
CA VAL A 576 16.13 -29.50 3.02
C VAL A 576 17.36 -28.60 2.91
N THR A 577 18.51 -29.21 2.59
CA THR A 577 19.78 -28.53 2.43
C THR A 577 20.33 -28.68 1.03
N ASP A 578 19.73 -29.54 0.21
CA ASP A 578 20.10 -29.69 -1.19
C ASP A 578 18.85 -30.19 -1.92
N LEU A 579 19.03 -30.54 -3.18
CA LEU A 579 17.97 -31.13 -3.99
C LEU A 579 18.23 -32.59 -4.33
N THR A 580 19.04 -33.27 -3.53
CA THR A 580 19.31 -34.71 -3.69
C THR A 580 19.18 -35.42 -2.34
N MET A 581 20.26 -35.40 -1.55
CA MET A 581 20.29 -36.13 -0.29
C MET A 581 19.09 -35.81 0.62
N SER A 582 18.67 -34.55 0.67
CA SER A 582 17.59 -34.18 1.60
C SER A 582 16.24 -34.74 1.16
N TRP A 583 16.15 -35.39 0.01
CA TRP A 583 14.89 -35.91 -0.50
C TRP A 583 14.77 -37.44 -0.42
N LYS A 584 15.82 -38.15 0.01
CA LYS A 584 15.79 -39.61 0.01
C LYS A 584 14.79 -40.19 1.00
N SER A 585 14.54 -39.50 2.11
CA SER A 585 13.64 -40.05 3.12
C SER A 585 12.17 -40.00 2.69
N GLY A 586 11.84 -39.19 1.68
CA GLY A 586 10.47 -39.00 1.26
C GLY A 586 9.65 -38.03 2.07
N LEU A 587 10.12 -37.62 3.26
CA LEU A 587 9.31 -36.73 4.10
C LEU A 587 9.24 -35.32 3.51
N ALA A 588 10.32 -34.87 2.86
CA ALA A 588 10.33 -33.52 2.32
C ALA A 588 9.23 -33.32 1.28
N LEU A 589 9.08 -34.29 0.36
CA LEU A 589 8.06 -34.17 -0.68
C LEU A 589 6.66 -34.36 -0.09
N CYS A 590 6.50 -35.31 0.83
CA CYS A 590 5.25 -35.42 1.57
C CYS A 590 4.90 -34.09 2.24
N ALA A 591 5.93 -33.41 2.79
CA ALA A 591 5.71 -32.10 3.41
C ALA A 591 5.29 -31.06 2.37
N ILE A 592 5.96 -31.01 1.21
CA ILE A 592 5.54 -30.09 0.14
C ILE A 592 4.08 -30.33 -0.23
N ILE A 593 3.68 -31.59 -0.34
CA ILE A 593 2.30 -31.89 -0.71
C ILE A 593 1.35 -31.46 0.41
N HIS A 594 1.73 -31.71 1.66
CA HIS A 594 0.86 -31.34 2.77
C HIS A 594 0.75 -29.83 2.90
N ARG A 595 1.81 -29.10 2.56
CA ARG A 595 1.78 -27.63 2.69
C ARG A 595 0.67 -27.05 1.85
N TYR A 596 0.43 -27.60 0.66
CA TYR A 596 -0.54 -27.04 -0.26
C TYR A 596 -1.82 -27.85 -0.38
N ARG A 597 -1.79 -29.14 -0.08
CA ARG A 597 -2.98 -30.00 -0.18
C ARG A 597 -3.06 -30.88 1.05
N PRO A 598 -3.31 -30.29 2.22
CA PRO A 598 -3.45 -31.09 3.44
C PRO A 598 -4.58 -32.10 3.38
N ASP A 599 -5.51 -31.94 2.44
CA ASP A 599 -6.60 -32.90 2.30
C ASP A 599 -6.13 -34.22 1.72
N LEU A 600 -4.95 -34.26 1.09
CA LEU A 600 -4.46 -35.46 0.41
C LEU A 600 -3.54 -36.32 1.27
N ILE A 601 -3.01 -35.80 2.37
CA ILE A 601 -2.03 -36.56 3.15
C ILE A 601 -2.10 -36.12 4.61
N ASP A 602 -2.08 -37.12 5.50
CA ASP A 602 -1.88 -36.91 6.92
C ASP A 602 -0.37 -37.00 7.20
N PHE A 603 0.30 -35.84 7.22
CA PHE A 603 1.75 -35.84 7.44
C PHE A 603 2.10 -36.34 8.84
N ASP A 604 1.27 -36.03 9.84
CA ASP A 604 1.56 -36.39 11.22
C ASP A 604 1.58 -37.89 11.43
N SER A 605 0.76 -38.64 10.70
CA SER A 605 0.71 -40.08 10.85
C SER A 605 1.97 -40.78 10.36
N LEU A 606 2.88 -40.07 9.68
CA LEU A 606 3.96 -40.71 8.94
C LEU A 606 5.12 -41.09 9.86
N ASP A 607 5.69 -42.26 9.61
CA ASP A 607 6.83 -42.77 10.35
C ASP A 607 8.09 -42.53 9.53
N GLU A 608 9.06 -41.81 10.11
CA GLU A 608 10.24 -41.46 9.33
C GLU A 608 11.03 -42.67 8.86
N GLN A 609 10.85 -43.84 9.47
CA GLN A 609 11.65 -44.99 9.08
C GLN A 609 11.11 -45.70 7.86
N ASN A 610 9.85 -45.45 7.48
CA ASN A 610 9.22 -46.08 6.31
C ASN A 610 9.60 -45.36 5.03
N VAL A 611 10.90 -45.35 4.75
CA VAL A 611 11.43 -44.59 3.60
C VAL A 611 10.74 -45.02 2.31
N GLU A 612 10.57 -46.32 2.11
CA GLU A 612 10.03 -46.77 0.82
C GLU A 612 8.56 -46.44 0.73
N LYS A 613 7.82 -46.71 1.81
CA LYS A 613 6.40 -46.43 1.87
C LYS A 613 6.10 -44.93 1.73
N ASN A 614 6.86 -44.08 2.43
CA ASN A 614 6.58 -42.65 2.40
C ASN A 614 6.90 -42.05 1.02
N ASN A 615 8.06 -42.41 0.44
CA ASN A 615 8.36 -41.98 -0.92
C ASN A 615 7.25 -42.40 -1.88
N GLN A 616 6.86 -43.67 -1.86
CA GLN A 616 5.87 -44.14 -2.82
C GLN A 616 4.52 -43.44 -2.61
N LEU A 617 4.17 -43.11 -1.37
CA LEU A 617 2.94 -42.39 -1.12
C LEU A 617 2.98 -41.02 -1.78
N ALA A 618 4.06 -40.27 -1.55
CA ALA A 618 4.23 -38.98 -2.19
C ALA A 618 4.13 -39.11 -3.70
N PHE A 619 4.82 -40.12 -4.28
CA PHE A 619 4.86 -40.26 -5.73
C PHE A 619 3.49 -40.60 -6.30
N ASP A 620 2.75 -41.45 -5.60
CA ASP A 620 1.41 -41.88 -6.05
C ASP A 620 0.42 -40.72 -5.98
N ILE A 621 0.39 -40.00 -4.85
CA ILE A 621 -0.46 -38.81 -4.74
C ILE A 621 -0.17 -37.83 -5.86
N ALA A 622 1.10 -37.49 -6.06
CA ALA A 622 1.46 -36.50 -7.06
C ALA A 622 0.99 -36.96 -8.45
N GLU A 623 1.15 -38.25 -8.73
CA GLU A 623 0.70 -38.80 -10.02
C GLU A 623 -0.83 -38.80 -10.14
N LYS A 624 -1.54 -39.36 -9.15
CA LYS A 624 -2.98 -39.57 -9.26
C LYS A 624 -3.77 -38.28 -9.07
N GLU A 625 -3.39 -37.43 -8.11
CA GLU A 625 -4.10 -36.20 -7.78
C GLU A 625 -3.57 -34.97 -8.52
N LEU A 626 -2.24 -34.89 -8.72
CA LEU A 626 -1.64 -33.69 -9.30
C LEU A 626 -1.21 -33.86 -10.75
N GLY A 627 -1.22 -35.08 -11.28
CA GLY A 627 -0.85 -35.27 -12.68
C GLY A 627 0.62 -35.11 -12.96
N ILE A 628 1.48 -35.28 -11.95
CA ILE A 628 2.93 -35.23 -12.11
C ILE A 628 3.43 -36.67 -12.25
N SER A 629 3.96 -37.02 -13.41
CA SER A 629 4.41 -38.39 -13.67
C SER A 629 5.64 -38.73 -12.80
N PRO A 630 5.70 -39.94 -12.24
CA PRO A 630 6.85 -40.29 -11.40
C PRO A 630 8.11 -40.46 -12.22
N ILE A 631 9.24 -40.16 -11.59
CA ILE A 631 10.53 -40.49 -12.19
C ILE A 631 11.14 -41.74 -11.59
N MET A 632 10.70 -42.14 -10.39
CA MET A 632 11.21 -43.36 -9.78
C MET A 632 10.13 -43.97 -8.89
N THR A 633 10.43 -45.18 -8.39
CA THR A 633 9.57 -45.80 -7.40
C THR A 633 10.12 -45.53 -6.00
N GLY A 634 9.27 -45.75 -5.01
CA GLY A 634 9.72 -45.67 -3.63
C GLY A 634 10.93 -46.54 -3.35
N LYS A 635 10.92 -47.78 -3.83
CA LYS A 635 12.03 -48.68 -3.50
C LYS A 635 13.33 -48.22 -4.17
N GLU A 636 13.24 -47.74 -5.42
CA GLU A 636 14.43 -47.14 -6.03
C GLU A 636 14.99 -46.02 -5.14
N MET A 637 14.12 -45.13 -4.65
CA MET A 637 14.60 -44.03 -3.82
C MET A 637 15.20 -44.56 -2.51
N ALA A 638 14.58 -45.59 -1.91
CA ALA A 638 15.02 -46.13 -0.63
C ALA A 638 16.42 -46.74 -0.65
N SER A 639 17.01 -46.94 -1.84
CA SER A 639 18.29 -47.65 -1.91
C SER A 639 19.32 -46.97 -2.81
N VAL A 640 19.08 -45.71 -3.21
CA VAL A 640 19.85 -45.13 -4.31
C VAL A 640 21.23 -44.61 -3.89
N GLY A 641 21.42 -44.14 -2.67
CA GLY A 641 22.71 -43.54 -2.38
C GLY A 641 22.68 -42.04 -2.63
N GLU A 642 22.68 -41.60 -3.91
CA GLU A 642 22.44 -40.20 -4.26
C GLU A 642 21.58 -40.07 -5.52
N PRO A 643 20.41 -39.44 -5.41
CA PRO A 643 19.54 -39.31 -6.58
C PRO A 643 20.15 -38.44 -7.67
N ASP A 644 19.90 -38.82 -8.93
CA ASP A 644 20.32 -37.97 -10.04
C ASP A 644 19.74 -36.58 -9.85
N LYS A 645 20.59 -35.57 -10.00
CA LYS A 645 20.12 -34.23 -9.73
C LYS A 645 19.42 -33.60 -10.91
N LEU A 646 19.87 -33.85 -12.15
CA LEU A 646 19.08 -33.39 -13.29
C LEU A 646 17.66 -33.92 -13.23
N SER A 647 17.50 -35.18 -12.82
CA SER A 647 16.16 -35.74 -12.71
C SER A 647 15.42 -35.16 -11.50
N MET A 648 16.11 -35.08 -10.34
CA MET A 648 15.49 -34.45 -9.18
C MET A 648 14.96 -33.07 -9.53
N VAL A 649 15.73 -32.28 -10.29
CA VAL A 649 15.33 -30.89 -10.53
C VAL A 649 14.16 -30.82 -11.50
N MET A 650 14.19 -31.65 -12.56
CA MET A 650 13.05 -31.73 -13.48
C MET A 650 11.76 -32.09 -12.75
N TYR A 651 11.86 -32.92 -11.71
CA TYR A 651 10.69 -33.44 -10.98
C TYR A 651 10.19 -32.43 -9.95
N LEU A 652 11.09 -31.92 -9.10
CA LEU A 652 10.69 -30.94 -8.10
C LEU A 652 10.19 -29.67 -8.75
N THR A 653 10.78 -29.26 -9.87
CA THR A 653 10.36 -28.00 -10.49
C THR A 653 8.87 -28.03 -10.86
N GLN A 654 8.36 -29.22 -11.24
CA GLN A 654 6.93 -29.33 -11.54
C GLN A 654 6.06 -29.04 -10.33
N PHE A 655 6.50 -29.39 -9.11
CA PHE A 655 5.75 -28.98 -7.93
C PHE A 655 5.86 -27.48 -7.73
N TYR A 656 7.06 -26.95 -7.94
CA TYR A 656 7.33 -25.52 -7.86
C TYR A 656 6.41 -24.73 -8.76
N GLU A 657 6.36 -25.11 -10.04
CA GLU A 657 5.54 -24.39 -11.00
C GLU A 657 4.06 -24.49 -10.64
N MET A 658 3.64 -25.64 -10.12
CA MET A 658 2.23 -25.85 -9.79
C MET A 658 1.80 -24.97 -8.63
N PHE A 659 2.68 -24.77 -7.65
CA PHE A 659 2.25 -24.24 -6.36
C PHE A 659 2.87 -22.90 -5.97
N LYS A 660 3.85 -22.39 -6.72
CA LYS A 660 4.61 -21.25 -6.24
C LYS A 660 3.77 -19.99 -6.07
N ASP A 661 2.77 -19.79 -6.93
CA ASP A 661 1.88 -18.63 -6.87
C ASP A 661 0.66 -18.85 -6.01
N SER A 662 0.66 -19.87 -5.18
CA SER A 662 -0.58 -20.51 -4.78
C SER A 662 -0.65 -20.75 -3.27
N LEU A 663 -0.54 -19.69 -2.48
CA LEU A 663 -0.64 -19.88 -1.03
C LEU A 663 -1.75 -19.03 -0.41
PA FAD B . -0.77 5.52 4.93
O1A FAD B . -2.10 6.08 4.57
O2A FAD B . -0.30 5.55 6.35
O5B FAD B . -0.69 4.01 4.45
C5B FAD B . 0.39 3.15 4.84
C4B FAD B . 0.00 1.74 4.52
O4B FAD B . 1.16 0.88 4.60
C3B FAD B . -1.05 1.15 5.47
O3B FAD B . -2.04 0.48 4.71
C2B FAD B . -0.23 0.18 6.32
O2B FAD B . -1.06 -0.88 6.74
C1B FAD B . 0.83 -0.27 5.33
N9A FAD B . 2.05 -0.80 5.90
C8A FAD B . 2.81 -0.26 6.91
N7A FAD B . 3.87 -0.96 7.21
C5A FAD B . 3.82 -2.04 6.34
C6A FAD B . 4.66 -3.16 6.14
N6A FAD B . 5.76 -3.38 6.85
N1A FAD B . 4.31 -4.05 5.18
C2A FAD B . 3.19 -3.83 4.48
N3A FAD B . 2.33 -2.82 4.58
C4A FAD B . 2.69 -1.95 5.54
N1 FAD B . -4.72 12.76 7.51
C2 FAD B . -5.62 13.78 7.46
O2 FAD B . -5.52 14.73 6.65
N3 FAD B . -6.68 13.77 8.35
C4 FAD B . -6.95 12.82 9.31
O4 FAD B . -7.92 12.93 10.06
C4X FAD B . -5.97 11.74 9.34
N5 FAD B . -6.14 10.80 10.23
C5X FAD B . -5.23 9.76 10.25
C6 FAD B . -5.38 8.75 11.18
C7 FAD B . -4.48 7.68 11.25
C7M FAD B . -4.69 6.59 12.26
C8 FAD B . -3.39 7.65 10.37
C8M FAD B . -2.39 6.52 10.41
C9 FAD B . -3.23 8.67 9.45
C9A FAD B . -4.13 9.72 9.38
N10 FAD B . -3.98 10.76 8.44
C10 FAD B . -4.89 11.79 8.39
C1' FAD B . -2.89 10.72 7.43
C2' FAD B . -3.38 10.13 6.08
O2' FAD B . -3.97 8.82 6.22
C3' FAD B . -2.22 9.99 5.09
O3' FAD B . -1.61 11.26 4.94
C4' FAD B . -2.56 9.48 3.69
O4' FAD B . -3.32 8.26 3.76
C5' FAD B . -1.36 9.24 2.79
O5' FAD B . -0.35 8.48 3.50
P FAD B . 0.33 7.21 2.88
O1P FAD B . -0.50 6.58 1.75
O2P FAD B . 1.73 7.60 2.49
O3P FAD B . 0.38 6.20 4.07
H51A FAD B . 0.55 3.23 5.76
H52A FAD B . 1.17 3.39 4.36
H4B FAD B . -0.32 1.68 3.64
H3B FAD B . -1.41 1.81 6.02
HO3A FAD B . -2.25 0.94 4.04
H2B FAD B . 0.19 0.59 7.06
HO2A FAD B . -0.82 -1.12 7.51
H1B FAD B . 0.46 -0.94 4.77
H8A FAD B . 2.58 0.53 7.33
H61A FAD B . 6.25 -4.09 6.69
H62A FAD B . 6.00 -2.82 7.47
H2A FAD B . 3.00 -4.48 3.83
HN3 FAD B . -7.24 14.44 8.30
H6 FAD B . -6.15 8.90 11.70
HM71 FAD B . -5.46 6.78 12.77
HM72 FAD B . -3.95 6.55 12.84
HM73 FAD B . -4.79 5.77 11.82
HM81 FAD B . -1.84 6.61 11.17
HM82 FAD B . -1.86 6.55 9.64
HM83 FAD B . -2.85 5.70 10.44
H9 FAD B . -2.33 8.62 9.23
H1'1 FAD B . -2.58 11.60 7.28
H1'2 FAD B . -2.18 10.20 7.77
H2' FAD B . -4.03 10.73 5.76
HO2' FAD B . -4.66 8.85 6.68
H3' FAD B . -1.62 9.38 5.48
HO3' FAD B . -1.89 11.64 4.25
H4' FAD B . -3.09 10.14 3.30
HO4' FAD B . -2.93 7.75 4.29
H5'1 FAD B . -1.63 8.76 2.03
H5'2 FAD B . -1.00 10.07 2.53
#